data_1OFC
#
_entry.id   1OFC
#
_cell.length_a   109.470
_cell.length_b   66.340
_cell.length_c   82.830
_cell.angle_alpha   90.00
_cell.angle_beta   124.41
_cell.angle_gamma   90.00
#
_symmetry.space_group_name_H-M   'C 1 2 1'
#
loop_
_entity.id
_entity.type
_entity.pdbx_description
1 polymer 'ISWI PROTEIN'
2 non-polymer alpha-D-glucopyranose
3 non-polymer 4-deoxy-alpha-D-glucopyranose
4 non-polymer GLYCEROL
5 water water
#
_entity_poly.entity_id   1
_entity_poly.type   'polypeptide(L)'
_entity_poly.pdbx_seq_one_letter_code
;GAMERKANYAVDAYFREALRVSEPKAPKAPRPPKQPIVQDFQFFPPRLFELLDQEIYYFRKTVGYKVPKNTELGSDATKV
QREEQRKIDEAEPLTEEEIQEKENLLSQGFTAWTKRDFNQFIKANEKYGRDDIDNIAKDVEGKTPEEVIEYNAVFWERCT
ELQDIERIMGQIERGEGKIQRRLSIKKALDQKMSRYRAPFHQLRLQYGNNKGKNYTEIEDRFLVCMLHKLGFDKENVYEE
LRAAIRASPQFRFDWFIKSRTALELQRRCNTLITLIERENIELEEKERAEKKKKAPKGSVSAGS
;
_entity_poly.pdbx_strand_id   X
#
# COMPACT_ATOMS: atom_id res chain seq x y z
N ALA A 10 -2.03 -3.34 26.50
CA ALA A 10 -3.11 -4.01 27.26
C ALA A 10 -4.32 -4.30 26.34
N VAL A 11 -4.63 -3.35 25.45
CA VAL A 11 -5.55 -3.60 24.32
C VAL A 11 -4.85 -4.52 23.31
N ASP A 12 -3.55 -4.31 23.11
CA ASP A 12 -2.78 -5.18 22.22
C ASP A 12 -3.03 -6.63 22.67
N ALA A 13 -2.91 -6.86 23.99
CA ALA A 13 -3.05 -8.19 24.56
C ALA A 13 -4.50 -8.72 24.51
N TYR A 14 -5.50 -7.84 24.47
CA TYR A 14 -6.89 -8.26 24.26
C TYR A 14 -7.05 -8.99 22.90
N PHE A 15 -6.66 -8.30 21.83
CA PHE A 15 -6.76 -8.83 20.45
C PHE A 15 -5.98 -10.10 20.18
N ARG A 16 -4.77 -10.21 20.74
CA ARG A 16 -3.97 -11.41 20.55
C ARG A 16 -4.66 -12.65 21.12
N GLU A 17 -5.06 -12.58 22.40
CA GLU A 17 -5.77 -13.71 23.04
C GLU A 17 -7.11 -13.98 22.36
N ALA A 18 -7.78 -12.93 21.92
CA ALA A 18 -9.01 -13.05 21.14
C ALA A 18 -8.77 -13.87 19.85
N LEU A 19 -7.71 -13.52 19.10
CA LEU A 19 -7.46 -14.04 17.76
C LEU A 19 -6.42 -15.18 17.68
N LYS A 28 -7.04 -22.78 25.37
CA LYS A 28 -7.91 -21.60 25.35
C LYS A 28 -8.11 -21.09 26.80
N ALA A 29 -9.01 -20.14 27.00
CA ALA A 29 -9.57 -19.88 28.33
C ALA A 29 -11.03 -19.52 28.10
N PRO A 30 -11.95 -19.90 29.00
CA PRO A 30 -13.37 -19.71 28.72
C PRO A 30 -13.73 -18.24 28.46
N ARG A 31 -14.77 -18.03 27.63
CA ARG A 31 -15.28 -16.69 27.33
C ARG A 31 -16.76 -16.70 27.57
N PRO A 32 -17.35 -15.55 27.87
CA PRO A 32 -18.81 -15.49 27.98
C PRO A 32 -19.40 -15.78 26.61
N PRO A 33 -20.53 -16.48 26.56
CA PRO A 33 -21.15 -16.82 25.28
C PRO A 33 -21.57 -15.61 24.44
N LYS A 34 -22.09 -14.56 25.07
CA LYS A 34 -22.63 -13.43 24.29
C LYS A 34 -21.54 -12.41 23.83
N GLN A 35 -20.30 -12.60 24.27
CA GLN A 35 -19.22 -11.60 24.16
C GLN A 35 -19.12 -10.94 22.76
N PRO A 36 -19.36 -9.63 22.70
CA PRO A 36 -19.24 -8.87 21.44
C PRO A 36 -17.87 -9.03 20.79
N ILE A 37 -17.88 -9.09 19.47
CA ILE A 37 -16.70 -9.24 18.66
C ILE A 37 -16.35 -7.84 18.15
N VAL A 38 -15.23 -7.28 18.63
CA VAL A 38 -14.72 -6.00 18.15
C VAL A 38 -13.33 -6.20 17.57
N GLN A 39 -12.98 -5.42 16.56
CA GLN A 39 -11.73 -5.61 15.86
C GLN A 39 -10.84 -4.36 15.93
N ASP A 40 -9.55 -4.58 15.89
CA ASP A 40 -8.60 -3.48 16.08
C ASP A 40 -8.83 -2.29 15.09
N PHE A 41 -9.10 -2.59 13.83
CA PHE A 41 -9.26 -1.56 12.81
C PHE A 41 -10.57 -0.74 13.01
N GLN A 42 -11.43 -1.18 13.95
CA GLN A 42 -12.65 -0.41 14.25
C GLN A 42 -12.48 0.71 15.22
N PHE A 43 -11.34 0.76 15.90
CA PHE A 43 -10.93 1.85 16.73
C PHE A 43 -11.89 2.18 17.86
N PHE A 44 -12.37 1.16 18.54
CA PHE A 44 -13.07 1.36 19.83
C PHE A 44 -12.18 1.96 20.94
N PRO A 45 -12.74 2.50 22.03
CA PRO A 45 -11.89 3.11 23.05
C PRO A 45 -11.30 2.10 24.04
N PRO A 46 -10.13 2.43 24.58
CA PRO A 46 -9.50 1.67 25.66
C PRO A 46 -10.44 1.24 26.75
N ARG A 47 -11.22 2.17 27.28
CA ARG A 47 -12.20 1.88 28.27
C ARG A 47 -13.12 0.72 27.93
N LEU A 48 -13.54 0.60 26.68
CA LEU A 48 -14.41 -0.52 26.31
C LEU A 48 -13.75 -1.83 26.64
N PHE A 49 -12.48 -1.93 26.30
CA PHE A 49 -11.70 -3.14 26.54
C PHE A 49 -11.52 -3.43 28.03
N GLU A 50 -11.46 -2.38 28.85
CA GLU A 50 -11.41 -2.55 30.33
C GLU A 50 -12.67 -3.24 30.80
N LEU A 51 -13.82 -2.80 30.29
CA LEU A 51 -15.09 -3.40 30.66
C LEU A 51 -15.27 -4.81 30.11
N LEU A 52 -14.85 -5.06 28.87
CA LEU A 52 -14.99 -6.36 28.29
C LEU A 52 -14.09 -7.37 29.03
N ASP A 53 -12.92 -6.91 29.42
CA ASP A 53 -12.00 -7.72 30.20
C ASP A 53 -12.61 -8.06 31.57
N GLN A 54 -13.25 -7.09 32.21
CA GLN A 54 -13.92 -7.34 33.49
C GLN A 54 -14.96 -8.45 33.31
N GLU A 55 -15.78 -8.36 32.25
CA GLU A 55 -16.76 -9.40 31.96
C GLU A 55 -16.16 -10.76 31.77
N ILE A 56 -15.00 -10.82 31.12
CA ILE A 56 -14.32 -12.08 30.88
C ILE A 56 -13.79 -12.65 32.21
N TYR A 57 -13.18 -11.82 33.04
CA TYR A 57 -12.61 -12.32 34.30
C TYR A 57 -13.74 -12.76 35.25
N TYR A 58 -14.86 -12.04 35.27
CA TYR A 58 -15.96 -12.41 36.10
C TYR A 58 -16.58 -13.71 35.64
N PHE A 59 -16.66 -13.91 34.33
CA PHE A 59 -17.19 -15.13 33.82
C PHE A 59 -16.33 -16.32 34.22
N ARG A 60 -15.03 -16.16 34.11
CA ARG A 60 -14.13 -17.17 34.59
C ARG A 60 -14.40 -17.47 36.08
N LYS A 61 -14.57 -16.44 36.89
CA LYS A 61 -14.83 -16.62 38.33
C LYS A 61 -16.06 -17.50 38.55
N THR A 62 -17.14 -17.19 37.83
CA THR A 62 -18.40 -17.91 38.02
C THR A 62 -18.33 -19.39 37.63
N VAL A 63 -17.45 -19.75 36.70
CA VAL A 63 -17.25 -21.18 36.37
C VAL A 63 -16.03 -21.70 37.15
N GLY A 64 -15.50 -22.86 36.82
CA GLY A 64 -14.44 -23.37 37.68
C GLY A 64 -13.12 -22.58 37.70
N TYR A 65 -12.94 -21.65 36.77
CA TYR A 65 -11.65 -21.56 36.07
C TYR A 65 -10.45 -21.29 36.94
N LYS A 66 -9.53 -22.25 36.90
CA LYS A 66 -8.19 -22.07 37.41
C LYS A 66 -7.33 -21.83 36.18
N VAL A 67 -6.13 -21.27 36.38
CA VAL A 67 -5.24 -20.94 35.28
C VAL A 67 -4.04 -21.90 35.32
N PRO A 68 -3.72 -22.58 34.21
CA PRO A 68 -2.72 -23.65 34.25
C PRO A 68 -1.27 -23.16 34.37
N LYS A 69 -0.36 -24.07 34.73
CA LYS A 69 1.07 -23.80 34.96
C LYS A 69 1.75 -22.75 34.05
N ASN A 70 1.41 -22.72 32.77
CA ASN A 70 1.95 -21.73 31.82
C ASN A 70 3.23 -22.20 31.12
N THR A 78 5.38 -19.65 38.48
CA THR A 78 4.51 -19.59 39.65
C THR A 78 4.06 -18.15 39.89
N LYS A 79 5.00 -17.20 39.78
CA LYS A 79 4.75 -15.79 40.00
C LYS A 79 3.70 -15.22 39.08
N VAL A 80 3.76 -15.62 37.81
CA VAL A 80 2.82 -15.12 36.78
C VAL A 80 1.45 -15.83 36.81
N GLN A 81 1.40 -17.01 37.42
CA GLN A 81 0.13 -17.72 37.61
C GLN A 81 -0.72 -17.04 38.68
N ARG A 82 -0.08 -16.55 39.74
CA ARG A 82 -0.77 -15.90 40.86
C ARG A 82 -1.46 -14.61 40.40
N GLU A 83 -0.76 -13.79 39.61
CA GLU A 83 -1.29 -12.51 39.11
C GLU A 83 -2.49 -12.71 38.18
N GLU A 84 -2.50 -13.78 37.38
CA GLU A 84 -3.66 -14.03 36.48
C GLU A 84 -4.83 -14.64 37.24
N GLN A 85 -4.54 -15.55 38.18
CA GLN A 85 -5.60 -16.14 38.99
C GLN A 85 -6.24 -15.06 39.83
N ARG A 86 -5.47 -14.05 40.21
CA ARG A 86 -5.93 -12.95 41.06
C ARG A 86 -6.95 -12.12 40.33
N LYS A 87 -6.73 -11.86 39.03
CA LYS A 87 -7.68 -11.09 38.23
C LYS A 87 -9.05 -11.76 38.18
N ILE A 88 -9.06 -13.08 38.08
CA ILE A 88 -10.30 -13.86 38.11
C ILE A 88 -10.92 -13.82 39.52
N ASP A 89 -10.11 -14.11 40.53
CA ASP A 89 -10.59 -14.25 41.91
C ASP A 89 -11.18 -12.95 42.47
N GLU A 90 -10.62 -11.82 42.04
CA GLU A 90 -11.06 -10.50 42.48
C GLU A 90 -12.13 -9.89 41.53
N ALA A 91 -12.52 -10.62 40.50
CA ALA A 91 -13.48 -10.08 39.54
C ALA A 91 -14.88 -9.88 40.17
N GLU A 92 -15.61 -8.93 39.62
CA GLU A 92 -16.93 -8.55 40.10
C GLU A 92 -17.84 -8.39 38.88
N PRO A 93 -19.14 -8.58 39.06
CA PRO A 93 -20.10 -8.28 38.00
C PRO A 93 -20.09 -6.79 37.70
N LEU A 94 -20.32 -6.44 36.46
CA LEU A 94 -20.49 -5.05 36.10
C LEU A 94 -21.67 -4.44 36.84
N THR A 95 -21.54 -3.22 37.36
CA THR A 95 -22.72 -2.48 37.89
C THR A 95 -23.66 -2.06 36.78
N GLU A 96 -24.86 -1.65 37.16
CA GLU A 96 -25.81 -1.14 36.17
C GLU A 96 -25.20 0.04 35.36
N GLU A 97 -24.43 0.91 36.03
CA GLU A 97 -23.76 2.06 35.39
C GLU A 97 -22.78 1.59 34.33
N GLU A 98 -21.97 0.62 34.70
CA GLU A 98 -20.99 -0.01 33.80
C GLU A 98 -21.61 -0.73 32.59
N ILE A 99 -22.71 -1.44 32.81
CA ILE A 99 -23.41 -2.07 31.71
C ILE A 99 -23.90 -1.03 30.68
N GLN A 100 -24.44 0.07 31.18
CA GLN A 100 -24.92 1.13 30.32
C GLN A 100 -23.74 1.72 29.57
N GLU A 101 -22.67 1.98 30.28
CA GLU A 101 -21.44 2.52 29.69
C GLU A 101 -20.91 1.63 28.57
N LYS A 102 -20.86 0.33 28.82
CA LYS A 102 -20.41 -0.65 27.85
C LYS A 102 -21.29 -0.60 26.61
N GLU A 103 -22.60 -0.59 26.79
CA GLU A 103 -23.53 -0.49 25.66
C GLU A 103 -23.30 0.79 24.81
N ASN A 104 -23.18 1.95 25.45
CA ASN A 104 -22.79 3.17 24.71
C ASN A 104 -21.48 3.02 23.94
N LEU A 105 -20.47 2.50 24.61
CA LEU A 105 -19.18 2.36 23.99
C LEU A 105 -19.11 1.36 22.89
N LEU A 106 -19.98 0.33 22.91
CA LEU A 106 -20.07 -0.59 21.77
C LEU A 106 -20.55 0.09 20.47
N SER A 107 -21.10 1.31 20.53
CA SER A 107 -21.18 2.06 19.27
C SER A 107 -20.17 3.18 19.02
N GLN A 108 -19.20 3.35 19.89
CA GLN A 108 -18.13 4.30 19.66
C GLN A 108 -16.93 3.61 18.97
N GLY A 109 -17.23 3.02 17.81
CA GLY A 109 -16.24 2.53 16.91
C GLY A 109 -16.85 2.43 15.53
N PHE A 110 -16.06 2.01 14.58
CA PHE A 110 -16.46 1.93 13.19
C PHE A 110 -17.19 0.61 12.94
N THR A 111 -18.41 0.57 13.44
CA THR A 111 -19.24 -0.66 13.43
C THR A 111 -19.69 -1.06 12.05
N ALA A 112 -19.73 -0.09 11.13
CA ALA A 112 -20.10 -0.37 9.74
C ALA A 112 -18.98 -0.96 8.86
N TRP A 113 -17.76 -1.06 9.41
CA TRP A 113 -16.60 -1.53 8.69
C TRP A 113 -16.28 -2.99 8.99
N THR A 114 -16.36 -3.85 8.00
CA THR A 114 -15.82 -5.19 8.10
C THR A 114 -14.33 -5.26 7.75
N LYS A 115 -13.74 -6.44 7.96
CA LYS A 115 -12.34 -6.61 7.63
C LYS A 115 -12.15 -6.41 6.12
N ARG A 116 -13.12 -6.88 5.35
CA ARG A 116 -13.08 -6.70 3.92
C ARG A 116 -13.08 -5.22 3.52
N ASP A 117 -13.91 -4.40 4.18
CA ASP A 117 -13.96 -2.97 3.94
C ASP A 117 -12.58 -2.33 4.26
N PHE A 118 -12.00 -2.74 5.38
CA PHE A 118 -10.71 -2.25 5.84
C PHE A 118 -9.67 -2.62 4.77
N ASN A 119 -9.69 -3.84 4.31
CA ASN A 119 -8.68 -4.26 3.35
C ASN A 119 -8.82 -3.45 2.06
N GLN A 120 -10.05 -3.11 1.68
CA GLN A 120 -10.27 -2.28 0.51
C GLN A 120 -9.73 -0.84 0.70
N PHE A 121 -9.87 -0.31 1.89
CA PHE A 121 -9.32 0.99 2.26
C PHE A 121 -7.79 0.95 2.11
N ILE A 122 -7.13 -0.09 2.60
CA ILE A 122 -5.70 -0.24 2.45
C ILE A 122 -5.30 -0.36 0.97
N LYS A 123 -6.09 -1.10 0.18
CA LYS A 123 -5.82 -1.21 -1.26
C LYS A 123 -5.91 0.11 -1.94
N ALA A 124 -6.87 0.95 -1.54
CA ALA A 124 -7.01 2.25 -2.15
C ALA A 124 -5.82 3.12 -1.77
N ASN A 125 -5.29 2.97 -0.55
CA ASN A 125 -4.12 3.72 -0.15
C ASN A 125 -2.91 3.28 -0.99
N GLU A 126 -2.80 2.01 -1.31
CA GLU A 126 -1.71 1.49 -2.04
C GLU A 126 -1.78 1.93 -3.51
N LYS A 127 -2.99 1.98 -4.05
CA LYS A 127 -3.24 2.40 -5.43
C LYS A 127 -3.00 3.89 -5.61
N TYR A 128 -3.49 4.73 -4.71
CA TYR A 128 -3.45 6.20 -4.92
C TYR A 128 -2.49 7.03 -4.06
N GLY A 129 -1.94 6.41 -3.02
CA GLY A 129 -1.06 7.09 -2.11
C GLY A 129 -1.90 7.85 -1.10
N ARG A 130 -1.27 8.08 0.05
CA ARG A 130 -1.90 8.63 1.28
C ARG A 130 -2.61 9.95 1.05
N ASP A 131 -1.99 10.77 0.25
CA ASP A 131 -2.41 12.16 0.14
C ASP A 131 -3.72 12.31 -0.69
N ASP A 132 -3.90 11.41 -1.65
CA ASP A 132 -4.98 11.47 -2.64
C ASP A 132 -6.29 10.95 -2.08
N ILE A 133 -6.79 11.66 -1.10
CA ILE A 133 -7.95 11.20 -0.34
C ILE A 133 -9.20 11.29 -1.23
N ASP A 134 -9.23 12.25 -2.16
CA ASP A 134 -10.36 12.37 -3.13
C ASP A 134 -10.62 11.05 -3.85
N ASN A 135 -9.55 10.40 -4.33
CA ASN A 135 -9.68 9.10 -4.99
C ASN A 135 -9.88 7.89 -4.05
N ILE A 136 -9.19 7.89 -2.90
CA ILE A 136 -9.44 6.88 -1.87
C ILE A 136 -10.91 6.92 -1.42
N ALA A 137 -11.48 8.11 -1.27
CA ALA A 137 -12.79 8.23 -0.67
C ALA A 137 -13.90 7.66 -1.54
N LYS A 138 -13.60 7.48 -2.83
CA LYS A 138 -14.51 6.97 -3.86
C LYS A 138 -14.27 5.50 -4.18
N ASP A 139 -13.32 4.86 -3.48
CA ASP A 139 -12.84 3.53 -3.80
C ASP A 139 -13.08 2.52 -2.67
N VAL A 140 -14.01 2.78 -1.76
CA VAL A 140 -14.37 1.77 -0.76
C VAL A 140 -15.87 1.43 -0.91
N GLU A 141 -16.16 0.34 -1.61
CA GLU A 141 -17.54 -0.09 -1.90
C GLU A 141 -18.41 -0.16 -0.66
N GLY A 142 -19.58 0.49 -0.77
CA GLY A 142 -20.56 0.56 0.31
C GLY A 142 -20.32 1.67 1.32
N LYS A 143 -19.24 2.43 1.16
CA LYS A 143 -18.93 3.55 2.04
C LYS A 143 -19.02 4.85 1.21
N THR A 144 -19.78 5.79 1.75
CA THR A 144 -19.82 7.19 1.34
C THR A 144 -18.42 7.87 1.35
N PRO A 145 -18.16 8.86 0.49
CA PRO A 145 -16.91 9.63 0.63
C PRO A 145 -16.76 10.22 2.01
N GLU A 146 -17.83 10.80 2.57
CA GLU A 146 -17.81 11.33 3.94
C GLU A 146 -17.34 10.25 4.95
N GLU A 147 -17.82 9.01 4.78
CA GLU A 147 -17.51 7.91 5.70
C GLU A 147 -16.07 7.50 5.61
N VAL A 148 -15.51 7.50 4.40
CA VAL A 148 -14.11 7.13 4.20
C VAL A 148 -13.19 8.22 4.74
N ILE A 149 -13.60 9.47 4.57
CA ILE A 149 -12.79 10.59 5.04
C ILE A 149 -12.76 10.56 6.58
N GLU A 150 -13.90 10.33 7.23
CA GLU A 150 -13.99 10.19 8.72
C GLU A 150 -13.07 9.12 9.21
N TYR A 151 -13.19 7.97 8.58
CA TYR A 151 -12.35 6.78 8.90
C TYR A 151 -10.86 7.09 8.73
N ASN A 152 -10.51 7.66 7.56
CA ASN A 152 -9.12 7.95 7.20
C ASN A 152 -8.44 8.79 8.27
N ALA A 153 -9.11 9.79 8.80
CA ALA A 153 -8.48 10.62 9.79
C ALA A 153 -8.16 9.86 11.10
N VAL A 154 -9.02 8.93 11.50
CA VAL A 154 -8.85 8.21 12.75
C VAL A 154 -7.78 7.20 12.52
N PHE A 155 -7.82 6.60 11.34
CA PHE A 155 -6.83 5.59 10.95
C PHE A 155 -5.38 6.08 11.12
N TRP A 156 -5.04 7.15 10.44
CA TRP A 156 -3.68 7.71 10.50
C TRP A 156 -3.31 8.15 11.89
N GLU A 157 -4.27 8.63 12.67
CA GLU A 157 -4.00 8.97 14.06
C GLU A 157 -3.67 7.74 14.93
N ARG A 158 -4.33 6.60 14.76
CA ARG A 158 -4.26 5.51 15.73
C ARG A 158 -3.75 4.21 15.09
N CYS A 159 -3.20 4.30 13.85
CA CYS A 159 -2.83 3.07 13.10
C CYS A 159 -1.77 2.30 13.83
N THR A 160 -1.03 2.95 14.74
CA THR A 160 -0.03 2.27 15.52
C THR A 160 -0.64 1.21 16.43
N GLU A 161 -1.94 1.28 16.71
CA GLU A 161 -2.64 0.27 17.51
C GLU A 161 -2.84 -1.06 16.75
N LEU A 162 -2.65 -1.07 15.44
CA LEU A 162 -3.08 -2.20 14.65
C LEU A 162 -2.03 -3.28 14.75
N GLN A 163 -2.46 -4.50 14.98
CA GLN A 163 -1.52 -5.64 15.08
C GLN A 163 -0.64 -5.78 13.82
N ASP A 164 -1.25 -5.51 12.68
CA ASP A 164 -0.64 -5.77 11.40
C ASP A 164 0.00 -4.52 10.75
N ILE A 165 0.26 -3.49 11.56
CA ILE A 165 0.71 -2.19 11.06
C ILE A 165 1.98 -2.26 10.23
N GLU A 166 2.91 -3.12 10.59
CA GLU A 166 4.12 -3.26 9.82
C GLU A 166 3.84 -3.65 8.37
N ARG A 167 3.06 -4.70 8.19
CA ARG A 167 2.77 -5.23 6.86
C ARG A 167 1.97 -4.18 6.08
N ILE A 168 1.01 -3.54 6.75
CA ILE A 168 0.12 -2.55 6.15
C ILE A 168 0.94 -1.35 5.63
N MET A 169 1.87 -0.86 6.44
CA MET A 169 2.71 0.28 6.06
C MET A 169 3.61 -0.12 4.88
N GLY A 170 4.22 -1.29 4.92
CA GLY A 170 5.03 -1.79 3.81
C GLY A 170 4.26 -1.90 2.51
N GLN A 171 3.01 -2.35 2.57
CA GLN A 171 2.11 -2.38 1.41
C GLN A 171 1.79 -0.95 0.91
N ILE A 172 1.53 -0.02 1.81
CA ILE A 172 1.17 1.33 1.37
C ILE A 172 2.39 2.05 0.79
N GLU A 173 3.54 1.94 1.46
CA GLU A 173 4.80 2.54 1.02
C GLU A 173 5.23 1.97 -0.33
N ARG A 174 5.04 0.67 -0.55
CA ARG A 174 5.38 0.10 -1.84
C ARG A 174 4.52 0.69 -2.97
N GLY A 175 3.23 0.91 -2.74
CA GLY A 175 2.38 1.54 -3.75
C GLY A 175 2.74 3.01 -4.00
N GLU A 176 3.14 3.68 -2.93
CA GLU A 176 3.50 5.09 -3.02
C GLU A 176 4.86 5.20 -3.80
N GLY A 177 5.74 4.23 -3.60
CA GLY A 177 7.02 4.22 -4.32
C GLY A 177 6.79 4.09 -5.82
N LYS A 178 5.76 3.33 -6.21
CA LYS A 178 5.47 3.05 -7.61
C LYS A 178 4.86 4.27 -8.24
N ILE A 179 4.01 5.01 -7.50
CA ILE A 179 3.43 6.25 -7.99
C ILE A 179 4.54 7.28 -8.18
N GLN A 180 5.46 7.39 -7.23
CA GLN A 180 6.56 8.32 -7.40
C GLN A 180 7.48 7.95 -8.61
N ARG A 181 7.79 6.68 -8.78
CA ARG A 181 8.61 6.23 -9.91
C ARG A 181 7.92 6.66 -11.23
N ARG A 182 6.63 6.38 -11.35
CA ARG A 182 5.84 6.77 -12.51
C ARG A 182 5.92 8.26 -12.80
N LEU A 183 5.75 9.08 -11.77
CA LEU A 183 5.87 10.54 -11.95
C LEU A 183 7.29 10.97 -12.40
N SER A 184 8.33 10.33 -11.87
CA SER A 184 9.72 10.63 -12.24
C SER A 184 9.98 10.25 -13.72
N ILE A 185 9.48 9.11 -14.14
CA ILE A 185 9.70 8.62 -15.49
C ILE A 185 9.00 9.57 -16.47
N LYS A 186 7.73 9.88 -16.20
CA LYS A 186 6.98 10.80 -17.03
C LYS A 186 7.68 12.14 -17.23
N LYS A 187 8.13 12.73 -16.13
CA LYS A 187 8.82 14.00 -16.16
C LYS A 187 10.10 13.85 -17.02
N ALA A 188 10.88 12.80 -16.75
CA ALA A 188 12.15 12.63 -17.43
C ALA A 188 11.99 12.43 -18.94
N LEU A 189 11.06 11.59 -19.35
CA LEU A 189 10.76 11.38 -20.75
C LEU A 189 10.21 12.64 -21.41
N ASP A 190 9.27 13.35 -20.78
CA ASP A 190 8.71 14.56 -21.40
C ASP A 190 9.79 15.62 -21.62
N GLN A 191 10.65 15.85 -20.63
CA GLN A 191 11.72 16.83 -20.76
C GLN A 191 12.71 16.43 -21.90
N LYS A 192 13.08 15.17 -21.98
CA LYS A 192 13.99 14.75 -23.02
C LYS A 192 13.37 15.00 -24.39
N MET A 193 12.15 14.52 -24.61
CA MET A 193 11.46 14.67 -25.90
C MET A 193 11.33 16.16 -26.32
N SER A 194 11.14 17.05 -25.33
CA SER A 194 10.96 18.47 -25.57
C SER A 194 12.20 19.15 -26.16
N ARG A 195 13.37 18.51 -26.07
CA ARG A 195 14.61 19.08 -26.62
C ARG A 195 14.82 18.95 -28.12
N TYR A 196 13.90 18.27 -28.81
CA TYR A 196 14.04 17.98 -30.22
C TYR A 196 12.76 18.42 -30.98
N ARG A 197 12.93 19.04 -32.14
CA ARG A 197 11.80 19.32 -33.04
C ARG A 197 11.16 18.02 -33.62
N ALA A 198 11.99 17.02 -33.89
CA ALA A 198 11.54 15.74 -34.50
C ALA A 198 12.26 14.60 -33.79
N PRO A 199 11.84 14.29 -32.57
CA PRO A 199 12.60 13.34 -31.76
C PRO A 199 12.79 11.96 -32.44
N PHE A 200 11.80 11.47 -33.18
CA PHE A 200 11.98 10.11 -33.78
C PHE A 200 13.13 10.07 -34.77
N HIS A 201 13.47 11.24 -35.33
CA HIS A 201 14.63 11.36 -36.18
C HIS A 201 15.89 11.89 -35.46
N GLN A 202 15.77 12.73 -34.42
CA GLN A 202 16.92 13.47 -33.86
C GLN A 202 17.42 12.98 -32.46
N LEU A 203 16.61 12.22 -31.72
CA LEU A 203 16.90 11.95 -30.30
C LEU A 203 18.20 11.16 -30.21
N ARG A 204 19.10 11.63 -29.36
CA ARG A 204 20.35 10.94 -29.02
C ARG A 204 20.38 10.62 -27.51
N LEU A 205 21.00 9.51 -27.16
CA LEU A 205 21.15 9.10 -25.78
C LEU A 205 22.59 9.30 -25.35
N GLN A 206 22.80 9.67 -24.09
CA GLN A 206 24.14 9.67 -23.50
C GLN A 206 24.34 8.32 -22.80
N TYR A 207 25.15 7.47 -23.40
CA TYR A 207 25.28 6.08 -22.96
C TYR A 207 26.29 5.87 -21.84
N GLY A 208 27.34 6.70 -21.76
CA GLY A 208 28.45 6.41 -20.86
C GLY A 208 28.93 4.99 -21.13
N ASN A 209 29.01 4.14 -20.11
CA ASN A 209 29.53 2.78 -20.25
C ASN A 209 28.45 1.67 -20.38
N ASN A 210 27.17 2.03 -20.43
CA ASN A 210 26.04 1.08 -20.44
C ASN A 210 25.37 0.84 -21.79
N LYS A 211 26.00 1.27 -22.88
CA LYS A 211 25.38 1.07 -24.20
C LYS A 211 25.13 -0.42 -24.48
N GLY A 212 26.09 -1.28 -24.10
CA GLY A 212 26.07 -2.70 -24.43
C GLY A 212 26.39 -2.92 -25.91
N LYS A 213 26.34 -4.18 -26.32
CA LYS A 213 26.89 -4.60 -27.59
C LYS A 213 25.85 -4.97 -28.63
N ASN A 214 24.58 -4.88 -28.26
CA ASN A 214 23.51 -5.57 -28.95
C ASN A 214 22.63 -4.63 -29.75
N TYR A 215 22.22 -3.57 -29.10
CA TYR A 215 21.23 -2.61 -29.60
C TYR A 215 21.98 -1.44 -30.20
N THR A 216 21.38 -0.79 -31.21
CA THR A 216 21.98 0.37 -31.81
C THR A 216 21.22 1.60 -31.37
N GLU A 217 21.79 2.76 -31.68
CA GLU A 217 21.13 4.00 -31.35
C GLU A 217 19.92 4.19 -32.20
N ILE A 218 19.95 3.71 -33.43
CA ILE A 218 18.75 3.78 -34.27
C ILE A 218 17.59 3.03 -33.60
N GLU A 219 17.84 1.85 -33.10
CA GLU A 219 16.84 1.00 -32.43
C GLU A 219 16.37 1.68 -31.13
N ASP A 220 17.32 2.17 -30.34
CA ASP A 220 17.04 2.75 -29.03
C ASP A 220 16.24 4.01 -29.17
N ARG A 221 16.54 4.78 -30.21
CA ARG A 221 15.80 6.01 -30.44
C ARG A 221 14.33 5.70 -30.70
N PHE A 222 14.07 4.72 -31.56
CA PHE A 222 12.69 4.30 -31.74
C PHE A 222 12.05 3.76 -30.45
N LEU A 223 12.74 2.94 -29.70
CA LEU A 223 12.19 2.44 -28.42
C LEU A 223 11.74 3.57 -27.49
N VAL A 224 12.59 4.58 -27.31
CA VAL A 224 12.28 5.64 -26.37
C VAL A 224 11.09 6.43 -26.92
N CYS A 225 11.20 6.80 -28.20
CA CYS A 225 10.20 7.70 -28.81
C CYS A 225 8.81 7.06 -28.89
N MET A 226 8.77 5.79 -29.26
CA MET A 226 7.52 5.05 -29.41
C MET A 226 6.92 4.61 -28.08
N LEU A 227 7.75 4.38 -27.08
CA LEU A 227 7.26 4.04 -25.76
C LEU A 227 6.54 5.27 -25.26
N HIS A 228 7.18 6.42 -25.52
CA HIS A 228 6.65 7.71 -25.03
C HIS A 228 5.33 7.99 -25.73
N LYS A 229 5.31 7.88 -27.07
CA LYS A 229 4.06 8.00 -27.84
C LYS A 229 2.94 7.07 -27.35
N LEU A 230 3.19 5.78 -27.16
CA LEU A 230 2.15 4.86 -26.70
C LEU A 230 1.68 5.09 -25.27
N GLY A 231 2.56 5.60 -24.39
CA GLY A 231 2.23 5.77 -22.97
C GLY A 231 3.04 4.73 -22.18
N PHE A 232 4.08 5.19 -21.49
CA PHE A 232 5.08 4.28 -20.95
C PHE A 232 4.52 3.36 -19.88
N ASP A 233 3.47 3.82 -19.23
CA ASP A 233 2.73 3.16 -18.14
C ASP A 233 1.52 2.32 -18.63
N LYS A 234 1.24 2.35 -19.92
CA LYS A 234 0.02 1.76 -20.46
C LYS A 234 0.07 0.23 -20.29
N GLU A 235 -1.09 -0.35 -20.00
CA GLU A 235 -1.21 -1.78 -19.83
C GLU A 235 -0.80 -2.41 -21.18
N ASN A 236 0.06 -3.41 -21.09
CA ASN A 236 0.51 -4.19 -22.23
C ASN A 236 1.30 -3.38 -23.29
N VAL A 237 1.93 -2.30 -22.85
CA VAL A 237 2.61 -1.41 -23.79
C VAL A 237 3.79 -2.09 -24.49
N TYR A 238 4.43 -3.06 -23.86
CA TYR A 238 5.60 -3.71 -24.46
C TYR A 238 5.21 -4.69 -25.58
N GLU A 239 4.02 -5.27 -25.52
CA GLU A 239 3.50 -5.97 -26.68
C GLU A 239 3.08 -4.99 -27.79
N GLU A 240 2.56 -3.81 -27.46
CA GLU A 240 2.24 -2.83 -28.52
C GLU A 240 3.51 -2.25 -29.18
N LEU A 241 4.59 -2.17 -28.41
CA LEU A 241 5.83 -1.65 -28.90
C LEU A 241 6.42 -2.66 -29.89
N ARG A 242 6.37 -3.91 -29.47
CA ARG A 242 6.82 -5.02 -30.30
C ARG A 242 6.07 -5.01 -31.62
N ALA A 243 4.75 -4.88 -31.57
CA ALA A 243 3.97 -4.81 -32.82
C ALA A 243 4.36 -3.52 -33.65
N ALA A 244 4.59 -2.41 -32.97
CA ALA A 244 4.96 -1.18 -33.71
C ALA A 244 6.36 -1.29 -34.42
N ILE A 245 7.30 -1.95 -33.79
CA ILE A 245 8.61 -2.19 -34.36
C ILE A 245 8.45 -3.04 -35.66
N ARG A 246 7.75 -4.15 -35.51
CA ARG A 246 7.42 -5.01 -36.63
C ARG A 246 6.83 -4.29 -37.81
N ALA A 247 5.99 -3.30 -37.52
CA ALA A 247 5.36 -2.51 -38.59
C ALA A 247 6.22 -1.36 -39.17
N SER A 248 7.32 -0.96 -38.55
CA SER A 248 8.08 0.22 -39.03
C SER A 248 8.95 -0.23 -40.24
N PRO A 249 8.77 0.42 -41.39
CA PRO A 249 9.58 0.09 -42.57
C PRO A 249 11.08 0.24 -42.28
N GLN A 250 11.46 1.15 -41.40
CA GLN A 250 12.87 1.24 -41.08
C GLN A 250 13.50 -0.05 -40.54
N PHE A 251 12.71 -0.96 -39.98
CA PHE A 251 13.22 -2.25 -39.50
C PHE A 251 12.98 -3.48 -40.36
N ARG A 252 12.68 -3.28 -41.64
CA ARG A 252 12.46 -4.39 -42.59
C ARG A 252 13.57 -5.40 -42.57
N PHE A 253 14.79 -4.90 -42.49
CA PHE A 253 15.97 -5.78 -42.57
C PHE A 253 16.65 -6.05 -41.25
N ASP A 254 16.03 -5.67 -40.17
CA ASP A 254 16.64 -5.73 -38.82
C ASP A 254 15.97 -6.87 -38.04
N TRP A 255 16.47 -8.08 -38.23
CA TRP A 255 15.92 -9.26 -37.61
C TRP A 255 16.02 -9.16 -36.07
N PHE A 256 17.12 -8.63 -35.59
CA PHE A 256 17.36 -8.54 -34.18
C PHE A 256 16.26 -7.80 -33.48
N ILE A 257 15.99 -6.59 -33.91
CA ILE A 257 15.07 -5.77 -33.20
C ILE A 257 13.65 -6.34 -33.29
N LYS A 258 13.31 -6.89 -34.46
CA LYS A 258 11.95 -7.45 -34.67
C LYS A 258 11.70 -8.75 -33.89
N SER A 259 12.77 -9.43 -33.46
CA SER A 259 12.62 -10.70 -32.80
C SER A 259 12.73 -10.66 -31.25
N ARG A 260 12.98 -9.49 -30.67
CA ARG A 260 13.05 -9.31 -29.24
C ARG A 260 11.67 -9.56 -28.60
N THR A 261 11.66 -10.28 -27.50
CA THR A 261 10.42 -10.42 -26.73
C THR A 261 10.00 -9.12 -26.05
N ALA A 262 8.75 -9.11 -25.65
CA ALA A 262 8.21 -8.03 -24.84
C ALA A 262 9.04 -7.79 -23.57
N LEU A 263 9.38 -8.86 -22.86
CA LEU A 263 10.20 -8.73 -21.66
C LEU A 263 11.59 -8.12 -21.99
N GLU A 264 12.18 -8.48 -23.13
CA GLU A 264 13.47 -8.00 -23.50
C GLU A 264 13.42 -6.51 -23.84
N LEU A 265 12.32 -6.09 -24.47
CA LEU A 265 12.12 -4.70 -24.83
C LEU A 265 11.98 -3.87 -23.54
N GLN A 266 11.28 -4.41 -22.56
CA GLN A 266 11.02 -3.67 -21.30
C GLN A 266 12.36 -3.46 -20.58
N ARG A 267 13.15 -4.51 -20.55
CA ARG A 267 14.48 -4.42 -19.96
C ARG A 267 15.35 -3.35 -20.63
N ARG A 268 15.34 -3.32 -21.96
CA ARG A 268 16.10 -2.31 -22.66
C ARG A 268 15.54 -0.94 -22.43
N CYS A 269 14.24 -0.81 -22.52
CA CYS A 269 13.65 0.49 -22.20
C CYS A 269 13.96 1.03 -20.77
N ASN A 270 14.00 0.14 -19.78
CA ASN A 270 14.36 0.49 -18.39
C ASN A 270 15.79 1.07 -18.35
N THR A 271 16.73 0.45 -19.06
CA THR A 271 18.11 0.96 -19.21
C THR A 271 18.09 2.34 -19.84
N LEU A 272 17.33 2.51 -20.92
CA LEU A 272 17.33 3.77 -21.65
C LEU A 272 16.73 4.92 -20.80
N ILE A 273 15.65 4.64 -20.08
CA ILE A 273 15.03 5.58 -19.10
C ILE A 273 16.04 6.04 -18.04
N THR A 274 16.80 5.10 -17.51
CA THR A 274 17.83 5.41 -16.52
C THR A 274 18.92 6.33 -17.12
N LEU A 275 19.25 6.15 -18.39
CA LEU A 275 20.24 7.02 -19.06
C LEU A 275 19.71 8.41 -19.29
N ILE A 276 18.42 8.51 -19.61
CA ILE A 276 17.79 9.80 -19.75
C ILE A 276 17.72 10.51 -18.40
N GLU A 277 17.36 9.78 -17.36
CA GLU A 277 17.34 10.36 -16.00
C GLU A 277 18.73 10.85 -15.54
N ARG A 278 19.76 10.03 -15.75
CA ARG A 278 21.14 10.43 -15.43
C ARG A 278 21.54 11.66 -16.25
N GLU A 279 21.13 11.73 -17.52
CA GLU A 279 21.38 12.89 -18.38
C GLU A 279 20.64 14.13 -17.88
N ASN A 280 19.36 14.01 -17.51
CA ASN A 280 18.59 15.15 -16.97
C ASN A 280 19.19 15.76 -15.70
N ILE A 281 19.84 14.93 -14.88
CA ILE A 281 20.49 15.37 -13.66
C ILE A 281 21.73 16.18 -13.97
N GLU A 282 22.56 15.72 -14.91
CA GLU A 282 23.78 16.47 -15.21
C GLU A 282 23.46 17.81 -15.89
N LEU A 283 22.41 17.84 -16.71
CA LEU A 283 21.95 19.09 -17.33
C LEU A 283 21.44 20.10 -16.27
N GLU A 284 20.74 19.60 -15.24
CA GLU A 284 20.29 20.51 -14.17
C GLU A 284 21.45 20.96 -13.26
N GLU A 285 22.56 20.21 -13.25
CA GLU A 285 23.79 20.57 -12.52
C GLU A 285 24.77 21.46 -13.35
N LYS A 286 24.65 21.46 -14.67
CA LYS A 286 25.41 22.38 -15.51
C LYS A 286 24.71 23.74 -15.45
N GLU A 287 23.37 23.74 -15.51
CA GLU A 287 22.58 24.98 -15.31
C GLU A 287 22.88 25.65 -13.98
N ARG A 288 23.03 24.84 -12.91
CA ARG A 288 23.32 25.36 -11.55
C ARG A 288 24.58 26.21 -11.47
N ALA A 289 25.56 25.95 -12.35
CA ALA A 289 26.75 26.79 -12.53
C ALA A 289 26.34 28.26 -12.70
N GLU A 290 25.53 28.55 -13.73
CA GLU A 290 24.97 29.90 -13.91
C GLU A 290 23.88 30.17 -12.86
N LYS A 291 24.21 30.48 -11.67
#